data_4ZUA
#
_entry.id   4ZUA
#
_cell.length_a   69.949
_cell.length_b   69.949
_cell.length_c   191.802
_cell.angle_alpha   90.00
_cell.angle_beta   90.00
_cell.angle_gamma   90.00
#
_symmetry.space_group_name_H-M   'P 43 21 2'
#
loop_
_entity.id
_entity.type
_entity.pdbx_description
1 polymer 'Exoenzyme S synthesis regulatory protein ExsA'
2 water water
#
_entity_poly.entity_id   1
_entity_poly.type   'polypeptide(L)'
_entity_poly.pdbx_seq_one_letter_code
;GQGAKSLGRKQITSCHWNIPTFEYRVNKEEGVYVLLEGELTVQDIDSTFCLAPGELLFVRRGSYVVSTKGKDSRILWIPL
SAQFLQGFVQRFGALLSEVERCDEPVPGIIAFAATPLLAGCVKGLKELLVHEHPPMLACLKIEELLMLFAFSPQGPLLMS
VLRQLSNRHVERLQLFME
;
_entity_poly.pdbx_strand_id   A,B
#
# COMPACT_ATOMS: atom_id res chain seq x y z
N GLN A 11 -15.68 -8.01 -14.50
CA GLN A 11 -15.49 -7.45 -13.16
C GLN A 11 -14.81 -8.48 -12.25
N ILE A 12 -15.42 -9.65 -12.08
CA ILE A 12 -14.89 -10.72 -11.25
C ILE A 12 -14.38 -11.84 -12.17
N THR A 13 -13.12 -12.25 -11.94
CA THR A 13 -12.33 -12.92 -12.97
C THR A 13 -11.77 -14.27 -12.52
N SER A 14 -12.14 -15.33 -13.23
CA SER A 14 -11.37 -16.56 -13.19
C SER A 14 -9.99 -16.28 -13.77
N CYS A 15 -8.96 -16.91 -13.20
CA CYS A 15 -7.56 -16.61 -13.57
C CYS A 15 -6.76 -17.90 -13.72
N HIS A 16 -6.48 -18.28 -14.97
CA HIS A 16 -5.58 -19.39 -15.25
C HIS A 16 -4.17 -18.84 -15.24
N TRP A 17 -3.40 -19.19 -14.21
CA TRP A 17 -2.05 -18.68 -13.99
C TRP A 17 -1.09 -19.85 -13.94
N ASN A 18 0.03 -19.70 -14.64
CA ASN A 18 1.19 -20.55 -14.43
C ASN A 18 2.39 -19.64 -14.20
N ILE A 19 3.04 -19.83 -13.06
CA ILE A 19 4.16 -18.97 -12.64
C ILE A 19 5.15 -19.85 -11.90
N PRO A 20 6.26 -20.26 -12.54
CA PRO A 20 7.23 -21.14 -11.86
C PRO A 20 8.07 -20.46 -10.80
N THR A 21 8.38 -19.18 -10.96
CA THR A 21 9.24 -18.51 -10.00
C THR A 21 8.46 -17.56 -9.11
N PHE A 22 8.08 -16.40 -9.66
CA PHE A 22 7.28 -15.41 -8.98
C PHE A 22 7.03 -14.26 -9.95
N GLU A 23 6.00 -13.46 -9.65
CA GLU A 23 5.74 -12.21 -10.35
C GLU A 23 5.44 -11.14 -9.32
N TYR A 24 5.01 -9.96 -9.76
CA TYR A 24 4.71 -8.85 -8.87
C TYR A 24 3.34 -8.32 -9.23
N ARG A 25 2.55 -8.00 -8.23
CA ARG A 25 1.25 -7.40 -8.44
C ARG A 25 1.19 -6.11 -7.65
N VAL A 26 0.44 -5.15 -8.19
CA VAL A 26 0.35 -3.80 -7.64
C VAL A 26 -1.13 -3.43 -7.71
N ASN A 27 -1.86 -3.73 -6.64
CA ASN A 27 -3.31 -3.67 -6.61
C ASN A 27 -3.72 -2.30 -6.10
N LYS A 28 -4.27 -1.46 -7.00
CA LYS A 28 -4.74 -0.15 -6.59
C LYS A 28 -6.00 -0.21 -5.74
N GLU A 29 -6.63 -1.39 -5.62
CA GLU A 29 -7.84 -1.57 -4.81
C GLU A 29 -7.62 -2.69 -3.82
N GLU A 30 -8.44 -2.69 -2.77
CA GLU A 30 -8.59 -3.85 -1.91
C GLU A 30 -9.23 -4.98 -2.70
N GLY A 31 -9.02 -6.20 -2.25
CA GLY A 31 -9.53 -7.33 -3.03
C GLY A 31 -9.47 -8.64 -2.28
N VAL A 32 -9.89 -9.69 -2.98
CA VAL A 32 -9.88 -11.05 -2.44
C VAL A 32 -9.29 -11.96 -3.49
N TYR A 33 -8.35 -12.76 -3.03
CA TYR A 33 -7.74 -13.81 -3.82
C TYR A 33 -8.32 -15.10 -3.26
N VAL A 34 -8.87 -15.93 -4.12
CA VAL A 34 -9.34 -17.24 -3.70
C VAL A 34 -8.83 -18.27 -4.70
N LEU A 35 -8.21 -19.33 -4.16
CA LEU A 35 -7.53 -20.34 -4.96
C LEU A 35 -8.51 -21.46 -5.27
N LEU A 36 -8.94 -21.52 -6.51
CA LEU A 36 -9.89 -22.57 -6.91
C LEU A 36 -9.14 -23.88 -7.15
N GLU A 37 -8.23 -23.91 -8.12
CA GLU A 37 -7.40 -25.10 -8.34
C GLU A 37 -5.93 -24.71 -8.43
N GLY A 38 -5.08 -25.53 -7.82
CA GLY A 38 -3.64 -25.35 -7.93
C GLY A 38 -2.99 -24.93 -6.64
N GLU A 39 -2.01 -24.05 -6.74
CA GLU A 39 -1.36 -23.44 -5.58
C GLU A 39 -1.25 -21.94 -5.81
N LEU A 40 -1.20 -21.18 -4.72
CA LEU A 40 -0.98 -19.74 -4.82
C LEU A 40 -0.35 -19.23 -3.53
N THR A 41 0.80 -18.54 -3.67
CA THR A 41 1.45 -17.84 -2.58
C THR A 41 1.24 -16.34 -2.75
N VAL A 42 0.94 -15.65 -1.66
CA VAL A 42 0.87 -14.20 -1.66
C VAL A 42 1.80 -13.70 -0.57
N GLN A 43 2.74 -12.82 -0.95
CA GLN A 43 3.72 -12.25 -0.04
C GLN A 43 3.63 -10.73 -0.06
N ASP A 44 3.55 -10.13 1.12
CA ASP A 44 3.75 -8.69 1.26
C ASP A 44 5.09 -8.48 1.98
N ILE A 45 5.39 -7.24 2.33
CA ILE A 45 6.69 -7.00 2.97
C ILE A 45 6.80 -7.77 4.29
N ASP A 46 5.68 -7.89 5.01
CA ASP A 46 5.69 -8.47 6.35
C ASP A 46 5.80 -9.99 6.30
N SER A 47 5.03 -10.62 5.43
CA SER A 47 4.62 -12.00 5.67
C SER A 47 4.32 -12.70 4.37
N THR A 48 4.19 -14.01 4.47
CA THR A 48 3.90 -14.87 3.33
C THR A 48 2.73 -15.78 3.66
N PHE A 49 1.84 -15.98 2.69
CA PHE A 49 0.68 -16.84 2.90
C PHE A 49 0.63 -17.89 1.80
N CYS A 50 0.66 -19.15 2.21
CA CYS A 50 0.45 -20.25 1.27
C CYS A 50 -0.90 -20.87 1.60
N LEU A 51 -1.75 -21.01 0.59
CA LEU A 51 -3.13 -21.43 0.83
C LEU A 51 -3.52 -22.61 -0.05
N ALA A 52 -4.29 -23.51 0.54
CA ALA A 52 -4.87 -24.63 -0.18
C ALA A 52 -6.09 -24.20 -0.96
N PRO A 53 -6.49 -24.97 -1.98
CA PRO A 53 -7.86 -24.72 -2.44
C PRO A 53 -8.84 -25.23 -1.36
N GLY A 54 -9.93 -24.53 -1.06
CA GLY A 54 -10.40 -23.33 -1.72
C GLY A 54 -10.32 -22.23 -0.69
N GLU A 55 -9.13 -22.03 -0.13
CA GLU A 55 -8.90 -20.97 0.82
C GLU A 55 -8.79 -19.63 0.10
N LEU A 56 -8.91 -18.56 0.89
CA LEU A 56 -8.86 -17.23 0.32
C LEU A 56 -8.06 -16.30 1.22
N LEU A 57 -7.76 -15.13 0.66
CA LEU A 57 -7.14 -14.05 1.39
C LEU A 57 -7.78 -12.75 0.99
N PHE A 58 -7.92 -11.87 1.98
CA PHE A 58 -8.24 -10.46 1.76
C PHE A 58 -6.92 -9.66 1.73
N VAL A 59 -6.72 -8.88 0.67
CA VAL A 59 -5.47 -8.11 0.54
C VAL A 59 -5.80 -6.63 0.40
N ARG A 60 -5.15 -5.82 1.23
CA ARG A 60 -5.24 -4.38 1.12
C ARG A 60 -4.72 -3.92 -0.22
N ARG A 61 -4.99 -2.65 -0.51
CA ARG A 61 -4.16 -1.88 -1.43
C ARG A 61 -2.68 -2.16 -1.16
N GLY A 62 -1.93 -2.43 -2.20
CA GLY A 62 -0.49 -2.56 -2.00
C GLY A 62 0.18 -3.30 -3.13
N SER A 63 1.41 -3.71 -2.85
CA SER A 63 2.22 -4.48 -3.79
C SER A 63 2.51 -5.82 -3.17
N TYR A 64 2.62 -6.83 -4.03
CA TYR A 64 2.64 -8.21 -3.59
C TYR A 64 3.51 -9.04 -4.51
N VAL A 65 4.09 -10.07 -3.93
CA VAL A 65 4.77 -11.10 -4.69
C VAL A 65 3.86 -12.32 -4.77
N VAL A 66 3.53 -12.73 -5.98
CA VAL A 66 2.63 -13.87 -6.21
C VAL A 66 3.40 -14.94 -6.95
N SER A 67 3.11 -16.21 -6.62
CA SER A 67 3.66 -17.33 -7.36
C SER A 67 2.70 -18.51 -7.37
N THR A 68 2.80 -19.31 -8.43
CA THR A 68 2.02 -20.53 -8.57
C THR A 68 2.84 -21.79 -8.30
N LYS A 69 4.18 -21.69 -8.19
CA LYS A 69 5.09 -22.82 -8.11
C LYS A 69 5.08 -23.63 -9.41
N GLY A 70 4.86 -22.93 -10.53
CA GLY A 70 4.90 -23.55 -11.84
C GLY A 70 3.74 -24.46 -12.14
N LYS A 71 2.76 -24.53 -11.25
CA LYS A 71 1.59 -25.37 -11.45
C LYS A 71 0.56 -24.65 -12.33
N ASP A 72 -0.33 -25.44 -12.89
CA ASP A 72 -1.47 -24.89 -13.60
C ASP A 72 -2.51 -24.51 -12.55
N SER A 73 -2.90 -23.24 -12.51
CA SER A 73 -3.68 -22.73 -11.38
C SER A 73 -4.82 -21.87 -11.87
N ARG A 74 -6.03 -22.26 -11.48
CA ARG A 74 -7.22 -21.44 -11.68
C ARG A 74 -7.51 -20.78 -10.33
N ILE A 75 -7.48 -19.45 -10.31
CA ILE A 75 -7.72 -18.68 -9.10
C ILE A 75 -8.72 -17.58 -9.45
N LEU A 76 -9.29 -16.98 -8.42
CA LEU A 76 -10.36 -16.01 -8.59
C LEU A 76 -9.94 -14.71 -7.93
N TRP A 77 -9.94 -13.63 -8.70
CA TRP A 77 -9.57 -12.31 -8.20
C TRP A 77 -10.81 -11.45 -8.12
N ILE A 78 -11.16 -11.06 -6.90
CA ILE A 78 -12.36 -10.28 -6.68
C ILE A 78 -11.89 -8.91 -6.22
N PRO A 79 -11.99 -7.89 -7.07
CA PRO A 79 -11.59 -6.55 -6.65
C PRO A 79 -12.74 -5.83 -5.99
N LEU A 80 -12.42 -5.11 -4.93
CA LEU A 80 -13.39 -4.37 -4.13
C LEU A 80 -13.12 -2.88 -4.31
N SER A 81 -13.88 -2.26 -5.21
CA SER A 81 -13.81 -0.83 -5.42
C SER A 81 -14.10 -0.07 -4.15
N ALA A 82 -13.59 1.15 -4.09
CA ALA A 82 -13.98 2.07 -3.03
C ALA A 82 -15.49 2.34 -3.08
N GLN A 83 -16.04 2.53 -4.28
CA GLN A 83 -17.47 2.81 -4.43
C GLN A 83 -18.29 1.70 -3.79
N PHE A 84 -18.02 0.47 -4.22
CA PHE A 84 -18.69 -0.70 -3.65
C PHE A 84 -18.52 -0.73 -2.14
N LEU A 85 -17.28 -0.61 -1.67
CA LEU A 85 -17.03 -0.69 -0.25
C LEU A 85 -17.86 0.32 0.53
N GLN A 86 -18.09 1.51 -0.06
CA GLN A 86 -18.97 2.49 0.58
C GLN A 86 -20.42 2.03 0.52
N GLY A 87 -20.94 1.81 -0.69
CA GLY A 87 -22.28 1.28 -0.89
C GLY A 87 -22.55 0.01 -0.10
N PHE A 88 -21.47 -0.67 0.33
CA PHE A 88 -21.62 -1.78 1.25
C PHE A 88 -21.78 -1.28 2.69
N VAL A 89 -20.79 -0.53 3.18
CA VAL A 89 -20.82 -0.08 4.57
C VAL A 89 -22.05 0.78 4.81
N GLN A 90 -22.48 1.54 3.80
CA GLN A 90 -23.76 2.24 3.87
C GLN A 90 -24.89 1.26 4.17
N ARG A 91 -25.03 0.23 3.33
CA ARG A 91 -26.14 -0.70 3.47
C ARG A 91 -26.15 -1.35 4.85
N PHE A 92 -24.98 -1.61 5.44
CA PHE A 92 -24.87 -2.44 6.65
C PHE A 92 -24.15 -1.75 7.81
N GLY A 93 -23.89 -0.44 7.71
CA GLY A 93 -23.08 0.25 8.72
C GLY A 93 -23.55 0.10 10.15
N ALA A 94 -24.85 -0.13 10.36
CA ALA A 94 -25.36 -0.25 11.72
C ALA A 94 -24.87 -1.54 12.37
N LEU A 95 -25.01 -2.67 11.67
CA LEU A 95 -24.53 -3.95 12.20
C LEU A 95 -23.02 -3.93 12.36
N LEU A 96 -22.31 -3.24 11.47
CA LEU A 96 -20.86 -3.20 11.53
C LEU A 96 -20.36 -2.40 12.72
N SER A 97 -21.19 -1.52 13.29
CA SER A 97 -20.80 -0.81 14.49
C SER A 97 -20.84 -1.70 15.73
N GLU A 98 -21.31 -2.94 15.58
CA GLU A 98 -21.11 -3.95 16.62
C GLU A 98 -19.67 -4.43 16.66
N VAL A 99 -18.93 -4.32 15.56
CA VAL A 99 -17.55 -4.79 15.53
C VAL A 99 -16.68 -3.91 16.43
N GLU A 100 -15.67 -4.52 17.02
CA GLU A 100 -14.74 -3.80 17.88
C GLU A 100 -13.85 -2.90 17.02
N ARG A 101 -13.06 -2.07 17.70
CA ARG A 101 -12.23 -1.08 17.02
C ARG A 101 -10.79 -1.57 16.96
N CYS A 102 -10.22 -1.53 15.74
CA CYS A 102 -8.79 -1.82 15.54
C CYS A 102 -8.51 -3.30 15.90
N ASP A 103 -7.28 -3.83 15.82
CA ASP A 103 -5.98 -3.15 15.92
C ASP A 103 -5.67 -2.13 14.80
N GLU A 104 -4.68 -1.26 15.05
CA GLU A 104 -4.28 -0.19 14.14
C GLU A 104 -3.17 -0.55 13.13
N PRO A 105 -2.48 -1.70 13.25
CA PRO A 105 -1.52 -2.03 12.17
C PRO A 105 -2.22 -2.34 10.87
N VAL A 106 -3.39 -2.95 10.96
CA VAL A 106 -4.00 -3.79 9.93
C VAL A 106 -2.97 -4.38 8.97
N PRO A 107 -2.78 -5.71 9.02
CA PRO A 107 -1.73 -6.41 8.25
C PRO A 107 -1.57 -6.09 6.77
N GLY A 108 -2.65 -5.98 6.01
CA GLY A 108 -2.49 -5.81 4.58
C GLY A 108 -2.80 -7.07 3.81
N ILE A 109 -2.42 -8.22 4.33
CA ILE A 109 -2.95 -9.51 3.88
C ILE A 109 -3.65 -10.13 5.07
N ILE A 110 -4.94 -10.45 4.92
CA ILE A 110 -5.73 -11.00 6.02
C ILE A 110 -6.19 -12.41 5.65
N ALA A 111 -5.80 -13.36 6.49
CA ALA A 111 -6.16 -14.75 6.28
C ALA A 111 -7.31 -15.13 7.19
N PHE A 112 -8.12 -16.08 6.73
CA PHE A 112 -9.35 -16.43 7.45
C PHE A 112 -9.39 -17.92 7.71
N ALA A 113 -9.76 -18.26 8.94
CA ALA A 113 -9.91 -19.67 9.32
C ALA A 113 -10.96 -20.33 8.41
N ALA A 114 -10.68 -21.59 8.05
CA ALA A 114 -11.61 -22.33 7.21
C ALA A 114 -12.90 -22.61 7.98
N THR A 115 -14.03 -22.24 7.37
CA THR A 115 -15.32 -22.36 8.02
C THR A 115 -16.31 -22.92 7.02
N PRO A 116 -17.20 -23.82 7.43
CA PRO A 116 -18.19 -24.31 6.47
C PRO A 116 -18.96 -23.18 5.79
N LEU A 117 -19.31 -22.12 6.50
CA LEU A 117 -20.03 -21.04 5.86
C LEU A 117 -19.15 -20.32 4.85
N LEU A 118 -17.89 -20.08 5.21
CA LEU A 118 -16.97 -19.55 4.21
C LEU A 118 -16.82 -20.51 3.06
N ALA A 119 -16.73 -21.81 3.37
CA ALA A 119 -16.63 -22.79 2.30
C ALA A 119 -17.83 -22.72 1.38
N GLY A 120 -19.03 -22.55 1.95
CA GLY A 120 -20.21 -22.46 1.14
C GLY A 120 -20.19 -21.22 0.28
N CYS A 121 -19.73 -20.10 0.84
CA CYS A 121 -19.65 -18.88 0.06
C CYS A 121 -18.67 -19.01 -1.10
N VAL A 122 -17.62 -19.81 -0.94
CA VAL A 122 -16.66 -20.05 -2.02
C VAL A 122 -17.29 -20.92 -3.11
N LYS A 123 -17.95 -22.02 -2.71
CA LYS A 123 -18.62 -22.86 -3.70
C LYS A 123 -19.72 -22.09 -4.43
N GLY A 124 -20.32 -21.08 -3.77
CA GLY A 124 -21.24 -20.19 -4.46
C GLY A 124 -20.58 -19.44 -5.60
N LEU A 125 -19.35 -18.95 -5.39
CA LEU A 125 -18.66 -18.20 -6.43
C LEU A 125 -18.27 -19.09 -7.60
N LYS A 126 -17.61 -20.22 -7.31
CA LYS A 126 -17.37 -21.26 -8.31
C LYS A 126 -18.60 -21.49 -9.17
N GLU A 127 -19.71 -21.87 -8.53
CA GLU A 127 -20.97 -22.15 -9.24
C GLU A 127 -21.38 -20.98 -10.14
N LEU A 128 -21.08 -19.76 -9.71
CA LEU A 128 -21.48 -18.59 -10.47
C LEU A 128 -20.71 -18.47 -11.78
N LEU A 129 -19.48 -19.01 -11.83
CA LEU A 129 -18.76 -19.03 -13.09
C LEU A 129 -19.44 -19.96 -14.09
N VAL A 130 -19.82 -21.15 -13.65
CA VAL A 130 -20.33 -22.19 -14.56
C VAL A 130 -21.82 -22.03 -14.98
N HIS A 131 -22.68 -21.43 -14.17
CA HIS A 131 -24.12 -21.39 -14.46
C HIS A 131 -24.55 -19.97 -14.77
N GLU A 132 -25.44 -19.82 -15.75
CA GLU A 132 -25.95 -18.51 -16.11
C GLU A 132 -26.78 -17.93 -14.97
N HIS A 133 -26.74 -16.61 -14.78
CA HIS A 133 -27.28 -15.97 -13.59
C HIS A 133 -27.45 -14.48 -13.84
N PRO A 134 -28.15 -13.77 -12.97
CA PRO A 134 -28.13 -12.31 -13.03
C PRO A 134 -26.80 -11.77 -12.54
N PRO A 135 -26.34 -10.64 -13.07
CA PRO A 135 -25.05 -10.10 -12.60
C PRO A 135 -25.06 -9.81 -11.10
N MET A 136 -26.20 -9.36 -10.56
CA MET A 136 -26.29 -8.89 -9.17
C MET A 136 -26.18 -10.04 -8.16
N LEU A 137 -26.32 -11.27 -8.62
CA LEU A 137 -26.10 -12.41 -7.73
C LEU A 137 -24.66 -12.44 -7.24
N ALA A 138 -23.74 -11.92 -8.05
CA ALA A 138 -22.36 -11.83 -7.62
C ALA A 138 -22.17 -10.73 -6.58
N CYS A 139 -22.71 -9.54 -6.82
CA CYS A 139 -22.71 -8.51 -5.80
C CYS A 139 -23.18 -9.07 -4.46
N LEU A 140 -24.23 -9.88 -4.49
CA LEU A 140 -24.76 -10.46 -3.26
C LEU A 140 -23.77 -11.44 -2.63
N LYS A 141 -23.26 -12.38 -3.44
CA LYS A 141 -22.24 -13.30 -2.96
C LYS A 141 -21.07 -12.58 -2.27
N ILE A 142 -20.68 -11.40 -2.77
CA ILE A 142 -19.57 -10.66 -2.16
C ILE A 142 -19.99 -10.02 -0.84
N GLU A 143 -21.18 -9.40 -0.81
CA GLU A 143 -21.71 -8.89 0.46
C GLU A 143 -21.71 -10.00 1.51
N GLU A 144 -22.09 -11.21 1.10
CA GLU A 144 -22.11 -12.34 2.00
C GLU A 144 -20.73 -12.65 2.53
N LEU A 145 -19.74 -12.72 1.63
CA LEU A 145 -18.35 -12.93 2.03
C LEU A 145 -17.84 -11.83 2.96
N LEU A 146 -18.07 -10.58 2.57
CA LEU A 146 -17.70 -9.47 3.43
C LEU A 146 -18.34 -9.59 4.80
N MET A 147 -19.66 -9.79 4.83
CA MET A 147 -20.37 -9.92 6.10
C MET A 147 -19.81 -11.06 6.95
N LEU A 148 -19.38 -12.15 6.32
CA LEU A 148 -18.68 -13.18 7.08
C LEU A 148 -17.33 -12.68 7.61
N PHE A 149 -16.59 -11.88 6.82
CA PHE A 149 -15.35 -11.32 7.35
C PHE A 149 -15.62 -10.49 8.60
N ALA A 150 -16.62 -9.61 8.53
CA ALA A 150 -16.88 -8.69 9.63
C ALA A 150 -17.35 -9.42 10.85
N PHE A 151 -18.02 -10.53 10.66
CA PHE A 151 -18.44 -11.41 11.74
C PHE A 151 -17.26 -12.19 12.33
N SER A 152 -16.22 -12.43 11.55
CA SER A 152 -15.08 -13.23 11.97
C SER A 152 -14.34 -12.58 13.14
N PRO A 153 -13.50 -13.34 13.82
CA PRO A 153 -12.49 -12.71 14.69
C PRO A 153 -11.66 -11.63 14.02
N GLN A 154 -11.31 -11.81 12.75
CA GLN A 154 -10.54 -10.81 12.02
C GLN A 154 -11.39 -9.65 11.52
N GLY A 155 -12.66 -9.55 11.93
CA GLY A 155 -13.50 -8.46 11.47
C GLY A 155 -13.01 -7.06 11.79
N PRO A 156 -12.52 -6.81 13.01
CA PRO A 156 -12.08 -5.43 13.32
C PRO A 156 -10.93 -4.95 12.47
N LEU A 157 -10.08 -5.87 12.00
CA LEU A 157 -9.10 -5.53 10.99
C LEU A 157 -9.77 -4.94 9.77
N LEU A 158 -10.64 -5.72 9.16
CA LEU A 158 -11.42 -5.24 8.03
C LEU A 158 -12.10 -3.91 8.36
N MET A 159 -12.72 -3.81 9.54
CA MET A 159 -13.40 -2.58 9.89
C MET A 159 -12.43 -1.41 9.91
N SER A 160 -11.23 -1.63 10.45
CA SER A 160 -10.23 -0.58 10.49
C SER A 160 -9.83 -0.15 9.09
N VAL A 161 -9.56 -1.12 8.20
CA VAL A 161 -9.33 -0.81 6.79
C VAL A 161 -10.50 -0.01 6.24
N LEU A 162 -11.72 -0.36 6.63
CA LEU A 162 -12.92 0.20 6.04
C LEU A 162 -13.19 1.64 6.45
N ARG A 163 -12.65 2.11 7.57
CA ARG A 163 -12.78 3.52 7.92
C ARG A 163 -11.79 4.36 7.11
N GLN A 164 -10.54 3.91 7.04
CA GLN A 164 -9.50 4.70 6.38
C GLN A 164 -9.93 5.20 5.01
N LEU A 165 -10.56 4.35 4.21
CA LEU A 165 -10.82 4.72 2.82
C LEU A 165 -11.93 5.76 2.66
N LYS B 10 23.26 18.61 -2.52
CA LYS B 10 23.91 17.32 -2.68
C LYS B 10 22.89 16.16 -2.79
N GLN B 11 23.42 14.94 -2.93
CA GLN B 11 22.59 13.75 -3.13
C GLN B 11 21.65 13.49 -1.95
N ILE B 12 22.05 13.87 -0.73
CA ILE B 12 21.21 13.80 0.46
C ILE B 12 21.61 14.94 1.38
N THR B 13 20.68 15.84 1.65
CA THR B 13 21.00 17.06 2.38
C THR B 13 20.43 17.01 3.78
N SER B 14 21.24 17.37 4.77
CA SER B 14 20.73 17.66 6.10
C SER B 14 20.30 19.11 6.15
N CYS B 15 19.18 19.36 6.79
CA CYS B 15 18.64 20.71 6.96
C CYS B 15 18.45 20.96 8.45
N HIS B 16 19.02 22.05 8.94
CA HIS B 16 18.83 22.47 10.32
C HIS B 16 17.96 23.73 10.26
N TRP B 17 16.68 23.56 10.59
CA TRP B 17 15.66 24.60 10.45
C TRP B 17 15.05 24.93 11.81
N ASN B 18 14.74 26.21 12.01
CA ASN B 18 13.90 26.65 13.13
C ASN B 18 12.97 27.71 12.57
N ILE B 19 11.68 27.38 12.47
CA ILE B 19 10.73 28.20 11.72
C ILE B 19 9.47 28.41 12.54
N PRO B 20 9.28 29.59 13.14
CA PRO B 20 8.07 29.82 13.96
C PRO B 20 6.78 29.83 13.15
N THR B 21 6.72 30.55 12.04
CA THR B 21 5.51 30.54 11.23
C THR B 21 5.68 29.58 10.06
N PHE B 22 5.92 30.09 8.85
CA PHE B 22 6.05 29.21 7.69
C PHE B 22 6.96 29.84 6.63
N GLU B 23 7.72 28.97 5.94
CA GLU B 23 8.55 29.37 4.82
C GLU B 23 8.12 28.62 3.58
N TYR B 24 8.18 29.31 2.45
CA TYR B 24 8.05 28.65 1.17
C TYR B 24 9.24 27.71 0.93
N ARG B 25 8.97 26.54 0.33
CA ARG B 25 9.99 25.58 -0.14
C ARG B 25 9.43 25.07 -1.48
N VAL B 26 9.88 25.71 -2.57
CA VAL B 26 9.48 25.31 -3.92
C VAL B 26 10.52 24.35 -4.45
N ASN B 27 10.12 23.12 -4.72
CA ASN B 27 10.99 22.03 -5.10
C ASN B 27 10.94 21.82 -6.60
N LYS B 28 12.13 21.84 -7.20
CA LYS B 28 12.35 21.58 -8.61
C LYS B 28 12.05 20.14 -8.98
N GLU B 29 12.22 19.22 -8.05
CA GLU B 29 12.19 17.79 -8.32
C GLU B 29 11.37 17.09 -7.26
N GLU B 30 11.00 15.85 -7.55
CA GLU B 30 10.39 15.06 -6.48
C GLU B 30 11.46 14.79 -5.45
N GLY B 31 11.03 14.52 -4.24
CA GLY B 31 11.98 14.24 -3.18
C GLY B 31 11.25 13.70 -1.99
N VAL B 32 11.97 13.59 -0.88
CA VAL B 32 11.48 12.98 0.32
C VAL B 32 12.08 13.70 1.52
N TYR B 33 11.23 14.16 2.42
CA TYR B 33 11.65 14.74 3.68
C TYR B 33 11.56 13.68 4.78
N VAL B 34 12.44 13.81 5.77
CA VAL B 34 12.54 12.90 6.90
C VAL B 34 12.81 13.76 8.12
N LEU B 35 11.93 13.70 9.12
CA LEU B 35 12.09 14.46 10.36
C LEU B 35 12.96 13.67 11.32
N LEU B 36 14.24 14.05 11.45
CA LEU B 36 15.10 13.36 12.41
C LEU B 36 14.76 13.76 13.85
N GLU B 37 14.65 15.04 14.11
CA GLU B 37 14.52 15.54 15.47
C GLU B 37 13.64 16.78 15.42
N GLY B 38 13.01 17.10 16.55
CA GLY B 38 12.21 18.31 16.61
C GLY B 38 10.85 18.16 15.94
N GLU B 39 10.45 19.18 15.18
CA GLU B 39 9.08 19.27 14.69
C GLU B 39 9.07 19.66 13.22
N LEU B 40 8.05 19.20 12.50
CA LEU B 40 7.90 19.58 11.10
C LEU B 40 6.43 19.52 10.67
N THR B 41 5.96 20.61 10.07
CA THR B 41 4.68 20.65 9.39
C THR B 41 4.91 20.97 7.92
N VAL B 42 4.08 20.43 7.04
CA VAL B 42 4.18 20.73 5.62
C VAL B 42 2.77 21.03 5.16
N GLN B 43 2.65 21.72 4.01
CA GLN B 43 1.37 21.99 3.38
C GLN B 43 1.59 22.07 1.90
N ASP B 44 0.72 21.41 1.13
CA ASP B 44 0.54 21.77 -0.27
C ASP B 44 -0.64 22.73 -0.29
N ILE B 45 -1.42 22.75 -1.38
CA ILE B 45 -2.59 23.62 -1.50
C ILE B 45 -3.55 23.39 -0.34
N ASP B 46 -4.14 22.21 -0.29
CA ASP B 46 -5.31 21.96 0.54
C ASP B 46 -5.00 21.14 1.77
N SER B 47 -3.85 20.49 1.81
CA SER B 47 -3.52 19.51 2.82
C SER B 47 -2.62 20.13 3.88
N THR B 48 -2.36 19.34 4.91
CA THR B 48 -1.46 19.73 5.98
C THR B 48 -0.99 18.46 6.66
N PHE B 49 0.31 18.35 6.89
CA PHE B 49 0.89 17.14 7.45
C PHE B 49 1.81 17.50 8.61
N CYS B 50 1.59 16.87 9.75
CA CYS B 50 2.38 17.08 10.96
C CYS B 50 3.13 15.80 11.29
N LEU B 51 4.40 15.93 11.65
CA LEU B 51 5.30 14.79 11.81
C LEU B 51 6.03 14.88 13.14
N ALA B 52 6.33 13.72 13.70
CA ALA B 52 7.30 13.50 14.75
C ALA B 52 8.41 12.61 14.22
N PRO B 53 9.53 12.47 14.96
CA PRO B 53 10.57 11.62 14.38
C PRO B 53 10.15 10.14 14.39
N GLY B 54 10.50 9.32 13.40
CA GLY B 54 11.17 9.69 12.18
C GLY B 54 10.24 9.38 11.02
N GLU B 55 9.17 10.15 10.94
CA GLU B 55 8.19 9.94 9.91
C GLU B 55 8.73 10.46 8.59
N LEU B 56 8.17 9.96 7.50
CA LEU B 56 8.68 10.21 6.17
C LEU B 56 7.58 10.79 5.30
N LEU B 57 8.02 11.42 4.21
CA LEU B 57 7.15 12.26 3.41
C LEU B 57 7.71 12.30 2.02
N PHE B 58 6.99 11.74 1.06
CA PHE B 58 7.35 11.92 -0.33
C PHE B 58 6.59 13.11 -0.87
N VAL B 59 7.25 13.86 -1.75
CA VAL B 59 6.70 15.11 -2.22
C VAL B 59 6.94 15.22 -3.70
N ARG B 60 5.89 15.53 -4.44
CA ARG B 60 6.04 15.82 -5.85
C ARG B 60 6.52 17.25 -6.03
N ARG B 61 7.25 17.47 -7.11
CA ARG B 61 7.68 18.81 -7.42
C ARG B 61 6.51 19.77 -7.37
N GLY B 62 6.76 20.95 -6.83
CA GLY B 62 5.76 21.99 -6.75
C GLY B 62 6.13 22.95 -5.63
N SER B 63 5.17 23.80 -5.29
CA SER B 63 5.35 24.81 -4.25
C SER B 63 4.75 24.32 -2.94
N TYR B 64 5.52 24.36 -1.87
CA TYR B 64 5.13 23.86 -0.55
C TYR B 64 5.41 24.92 0.49
N VAL B 65 5.11 24.59 1.75
CA VAL B 65 5.22 25.53 2.84
C VAL B 65 5.51 24.72 4.10
N VAL B 66 6.50 25.15 4.90
CA VAL B 66 7.08 24.31 5.94
C VAL B 66 7.26 25.09 7.22
N SER B 67 7.07 24.42 8.36
CA SER B 67 7.21 24.99 9.69
C SER B 67 7.86 23.97 10.62
N THR B 68 8.63 24.47 11.60
CA THR B 68 9.13 23.65 12.70
C THR B 68 8.48 24.06 14.01
N LYS B 69 7.50 24.95 13.96
CA LYS B 69 6.75 25.35 15.15
C LYS B 69 7.72 25.86 16.22
N GLY B 70 8.72 26.62 15.80
CA GLY B 70 9.55 27.38 16.71
C GLY B 70 10.60 26.61 17.49
N LYS B 71 10.81 25.33 17.19
CA LYS B 71 11.84 24.54 17.84
C LYS B 71 12.94 24.22 16.83
N ASP B 72 14.19 24.22 17.30
CA ASP B 72 15.26 23.68 16.47
C ASP B 72 14.89 22.26 16.07
N SER B 73 15.15 21.93 14.81
CA SER B 73 14.77 20.62 14.31
C SER B 73 15.65 20.25 13.12
N ARG B 74 16.00 18.96 13.04
CA ARG B 74 16.87 18.43 12.00
C ARG B 74 16.00 17.64 11.03
N ILE B 75 16.18 17.89 9.74
CA ILE B 75 15.41 17.23 8.70
C ILE B 75 16.36 16.78 7.62
N LEU B 76 16.10 15.60 7.05
CA LEU B 76 16.79 15.17 5.84
C LEU B 76 15.93 15.51 4.65
N TRP B 77 16.58 15.95 3.58
CA TRP B 77 15.96 16.09 2.27
C TRP B 77 16.69 15.18 1.29
N ILE B 78 15.93 14.43 0.51
CA ILE B 78 16.50 13.47 -0.44
C ILE B 78 15.90 13.71 -1.82
N PRO B 79 16.62 14.34 -2.75
CA PRO B 79 16.03 14.59 -4.07
C PRO B 79 15.90 13.30 -4.86
N LEU B 80 15.04 13.34 -5.89
CA LEU B 80 14.81 12.21 -6.79
C LEU B 80 14.71 12.74 -8.20
N SER B 81 15.84 12.70 -8.91
CA SER B 81 15.87 13.07 -10.31
C SER B 81 15.00 12.11 -11.11
N ALA B 82 14.56 12.59 -12.27
CA ALA B 82 13.68 11.79 -13.12
C ALA B 82 14.38 10.52 -13.59
N GLN B 83 15.67 10.59 -13.89
CA GLN B 83 16.39 9.40 -14.33
C GLN B 83 16.44 8.36 -13.21
N PHE B 84 16.66 8.81 -11.97
CA PHE B 84 16.66 7.87 -10.86
C PHE B 84 15.30 7.21 -10.73
N LEU B 85 14.24 7.98 -10.97
CA LEU B 85 12.91 7.44 -10.97
C LEU B 85 12.68 6.57 -12.20
N GLN B 86 13.20 7.00 -13.36
CA GLN B 86 13.13 6.17 -14.57
C GLN B 86 13.78 4.81 -14.31
N GLY B 87 15.05 4.83 -13.93
CA GLY B 87 15.80 3.63 -13.60
C GLY B 87 15.05 2.70 -12.67
N PHE B 88 14.02 3.23 -12.02
CA PHE B 88 13.17 2.37 -11.22
C PHE B 88 12.29 1.48 -12.09
N VAL B 89 12.85 0.93 -13.17
CA VAL B 89 12.20 -0.12 -13.96
C VAL B 89 12.24 -1.44 -13.19
N GLN B 90 12.52 -1.35 -11.88
CA GLN B 90 12.70 -2.54 -11.05
C GLN B 90 11.59 -3.52 -11.29
N ARG B 91 10.42 -3.00 -11.59
CA ARG B 91 9.22 -3.78 -11.77
C ARG B 91 9.04 -4.12 -13.25
N PHE B 92 8.54 -5.32 -13.54
CA PHE B 92 8.48 -5.81 -14.93
C PHE B 92 7.08 -5.58 -15.51
N GLY B 93 6.80 -4.30 -15.77
CA GLY B 93 5.65 -3.88 -16.55
C GLY B 93 4.30 -4.35 -16.03
N ALA B 94 4.04 -4.12 -14.75
CA ALA B 94 2.76 -4.48 -14.13
C ALA B 94 1.77 -3.32 -14.27
N LEU B 95 1.45 -3.00 -15.51
CA LEU B 95 0.33 -2.11 -15.84
C LEU B 95 0.61 -0.71 -15.31
N LEU B 96 -0.45 0.07 -15.05
CA LEU B 96 -0.31 1.43 -14.54
C LEU B 96 0.45 1.47 -13.20
N GLU B 104 -7.21 9.26 -9.83
CA GLU B 104 -6.44 9.78 -10.95
C GLU B 104 -6.04 11.27 -10.91
N PRO B 105 -6.54 12.07 -9.95
CA PRO B 105 -6.02 13.44 -9.83
C PRO B 105 -4.64 13.49 -9.21
N VAL B 106 -4.35 12.58 -8.28
CA VAL B 106 -2.99 12.30 -7.79
C VAL B 106 -2.49 13.43 -6.89
N PRO B 107 -2.15 13.15 -5.64
CA PRO B 107 -1.75 14.21 -4.71
C PRO B 107 -0.27 14.53 -4.76
N GLY B 108 0.04 15.73 -4.28
CA GLY B 108 1.42 16.16 -4.28
C GLY B 108 2.24 15.57 -3.15
N ILE B 109 1.63 15.48 -1.97
CA ILE B 109 2.29 14.92 -0.79
C ILE B 109 1.72 13.55 -0.49
N ILE B 110 2.60 12.65 -0.07
CA ILE B 110 2.25 11.29 0.32
C ILE B 110 3.10 10.96 1.54
N ALA B 111 2.45 10.51 2.60
CA ALA B 111 3.12 10.29 3.87
C ALA B 111 3.21 8.80 4.18
N PHE B 112 4.23 8.46 4.96
CA PHE B 112 4.46 7.08 5.35
C PHE B 112 4.72 7.03 6.85
N ALA B 113 4.07 6.07 7.51
CA ALA B 113 4.16 5.95 8.95
C ALA B 113 5.46 5.26 9.33
N ALA B 114 5.99 5.65 10.48
CA ALA B 114 7.29 5.17 10.91
C ALA B 114 7.21 3.68 11.23
N THR B 115 7.90 2.86 10.44
CA THR B 115 7.98 1.43 10.67
C THR B 115 9.42 1.04 10.99
N PRO B 116 9.63 -0.07 11.67
CA PRO B 116 11.01 -0.50 11.97
C PRO B 116 11.85 -0.73 10.72
N LEU B 117 11.24 -1.16 9.62
CA LEU B 117 12.00 -1.43 8.41
C LEU B 117 12.42 -0.13 7.72
N LEU B 118 11.62 0.92 7.87
CA LEU B 118 12.02 2.25 7.42
C LEU B 118 13.08 2.85 8.34
N ALA B 119 12.82 2.85 9.64
CA ALA B 119 13.77 3.44 10.59
C ALA B 119 15.17 2.86 10.43
N GLY B 120 15.27 1.61 9.99
CA GLY B 120 16.55 0.98 9.75
C GLY B 120 17.16 1.47 8.45
N CYS B 121 16.31 1.70 7.46
CA CYS B 121 16.79 2.28 6.21
C CYS B 121 17.26 3.71 6.45
N VAL B 122 16.66 4.40 7.41
CA VAL B 122 16.97 5.81 7.65
C VAL B 122 18.27 5.97 8.43
N LYS B 123 18.48 5.14 9.45
CA LYS B 123 19.79 5.12 10.08
C LYS B 123 20.85 4.83 9.04
N GLY B 124 20.58 3.89 8.15
CA GLY B 124 21.47 3.64 7.03
C GLY B 124 21.63 4.87 6.16
N LEU B 125 20.64 5.74 6.13
CA LEU B 125 20.75 6.94 5.32
C LEU B 125 21.53 8.03 6.04
N LYS B 126 21.48 8.04 7.36
CA LYS B 126 22.30 8.98 8.11
C LYS B 126 23.79 8.69 7.89
N GLU B 127 24.16 7.41 7.82
CA GLU B 127 25.56 7.04 7.72
C GLU B 127 26.18 7.46 6.40
N LEU B 128 25.37 7.62 5.34
CA LEU B 128 25.90 8.15 4.10
C LEU B 128 26.21 9.63 4.21
N LEU B 129 25.72 10.27 5.28
CA LEU B 129 25.93 11.69 5.50
C LEU B 129 27.27 11.96 6.19
N VAL B 130 27.76 11.01 6.98
CA VAL B 130 29.04 11.14 7.66
C VAL B 130 30.16 10.49 6.85
N HIS B 131 29.94 9.31 6.30
CA HIS B 131 30.95 8.57 5.56
C HIS B 131 30.68 8.73 4.08
N GLU B 132 31.41 9.63 3.44
CA GLU B 132 31.30 9.81 2.01
C GLU B 132 31.45 8.46 1.33
N HIS B 133 30.49 8.13 0.48
CA HIS B 133 30.52 6.88 -0.25
C HIS B 133 30.36 7.15 -1.73
N PRO B 134 30.84 6.25 -2.58
CA PRO B 134 30.57 6.40 -4.02
C PRO B 134 29.08 6.56 -4.27
N PRO B 135 28.73 7.29 -5.32
CA PRO B 135 27.30 7.63 -5.52
C PRO B 135 26.40 6.41 -5.59
N MET B 136 26.72 5.44 -6.46
CA MET B 136 25.84 4.29 -6.65
C MET B 136 25.56 3.56 -5.34
N LEU B 137 26.54 3.52 -4.42
CA LEU B 137 26.28 2.94 -3.10
C LEU B 137 25.14 3.65 -2.40
N ALA B 138 25.09 4.97 -2.52
CA ALA B 138 24.02 5.72 -1.90
C ALA B 138 22.70 5.49 -2.64
N CYS B 139 22.76 5.29 -3.95
CA CYS B 139 21.56 5.05 -4.76
C CYS B 139 20.84 3.78 -4.33
N LEU B 140 21.59 2.75 -3.92
CA LEU B 140 20.95 1.52 -3.48
C LEU B 140 20.14 1.76 -2.22
N LYS B 141 20.68 2.54 -1.28
CA LYS B 141 19.99 2.71 -0.01
C LYS B 141 18.74 3.56 -0.19
N ILE B 142 18.65 4.31 -1.29
CA ILE B 142 17.42 5.04 -1.58
C ILE B 142 16.48 4.21 -2.46
N GLU B 143 17.00 3.34 -3.33
CA GLU B 143 16.13 2.35 -3.97
C GLU B 143 15.42 1.55 -2.89
N GLU B 144 16.16 1.09 -1.87
CA GLU B 144 15.57 0.36 -0.75
C GLU B 144 14.42 1.16 -0.13
N LEU B 145 14.61 2.46 0.00
CA LEU B 145 13.61 3.32 0.60
C LEU B 145 12.34 3.34 -0.25
N LEU B 146 12.50 3.51 -1.57
CA LEU B 146 11.34 3.52 -2.44
C LEU B 146 10.67 2.15 -2.47
N MET B 147 11.46 1.09 -2.52
CA MET B 147 10.86 -0.23 -2.47
C MET B 147 10.03 -0.39 -1.21
N LEU B 148 10.51 0.14 -0.08
CA LEU B 148 9.72 0.05 1.14
C LEU B 148 8.40 0.82 1.00
N PHE B 149 8.43 1.96 0.30
CA PHE B 149 7.17 2.68 0.06
C PHE B 149 6.24 1.83 -0.79
N ALA B 150 6.79 1.17 -1.81
CA ALA B 150 5.95 0.42 -2.76
C ALA B 150 5.22 -0.74 -2.10
N PHE B 151 5.79 -1.34 -1.06
CA PHE B 151 5.09 -2.37 -0.29
C PHE B 151 4.40 -1.76 0.91
N SER B 152 3.51 -0.81 0.62
CA SER B 152 2.71 -0.13 1.62
C SER B 152 1.35 0.12 0.99
N PRO B 153 0.32 0.44 1.77
CA PRO B 153 -0.97 0.81 1.17
C PRO B 153 -0.89 1.99 0.21
N GLN B 154 -0.10 3.02 0.55
CA GLN B 154 0.12 4.11 -0.40
C GLN B 154 1.09 3.71 -1.51
N GLY B 155 1.73 2.55 -1.40
CA GLY B 155 2.58 2.02 -2.44
C GLY B 155 2.09 2.24 -3.85
N PRO B 156 0.98 1.60 -4.22
CA PRO B 156 0.53 1.67 -5.62
C PRO B 156 0.18 3.05 -6.08
N LEU B 157 -0.21 3.91 -5.14
CA LEU B 157 -0.44 5.32 -5.43
C LEU B 157 0.85 6.00 -5.87
N LEU B 158 1.89 5.93 -5.04
CA LEU B 158 3.19 6.50 -5.38
C LEU B 158 3.60 6.15 -6.79
N MET B 159 3.25 4.96 -7.24
CA MET B 159 3.54 4.57 -8.62
C MET B 159 2.66 5.31 -9.61
N SER B 160 1.40 5.57 -9.22
CA SER B 160 0.55 6.37 -10.08
C SER B 160 1.12 7.76 -10.30
N VAL B 161 1.97 8.22 -9.38
CA VAL B 161 2.71 9.47 -9.55
C VAL B 161 3.89 9.25 -10.48
N LEU B 162 4.78 8.34 -10.10
CA LEU B 162 5.99 8.07 -10.87
C LEU B 162 5.67 7.74 -12.32
N ARG B 163 4.61 6.95 -12.55
CA ARG B 163 4.24 6.55 -13.90
C ARG B 163 3.94 7.77 -14.75
N GLN B 164 3.16 8.71 -14.20
CA GLN B 164 2.85 9.95 -14.90
C GLN B 164 4.10 10.79 -15.15
N LEU B 165 5.16 10.61 -14.35
CA LEU B 165 6.37 11.39 -14.55
C LEU B 165 7.08 11.01 -15.83
N SER B 166 7.02 9.73 -16.23
CA SER B 166 7.60 9.34 -17.52
C SER B 166 7.05 10.18 -18.66
N ASN B 167 5.80 10.63 -18.55
CA ASN B 167 5.18 11.49 -19.54
C ASN B 167 5.66 12.94 -19.39
#